data_5YDO
#
_entry.id   5YDO
#
_cell.length_a   63.344
_cell.length_b   63.344
_cell.length_c   100.807
_cell.angle_alpha   90.00
_cell.angle_beta   90.00
_cell.angle_gamma   90.00
#
_symmetry.space_group_name_H-M   'P 41 21 2'
#
loop_
_entity.id
_entity.type
_entity.pdbx_description
1 polymer 'Cell density-dependent motility repressor'
2 non-polymer 'SULFATE ION'
3 water water
#
_entity_poly.entity_id   1
_entity_poly.type   'polypeptide(L)'
_entity_poly.pdbx_seq_one_letter_code
;GAMDYTLRKIKIAAAHSLSLGLLPTIVKQMPTQFTYAVEAIDVDQAVDMLREGQSDFIFSYHDENLQQAPFDNIRLFESR
LFPVCANNGRGEPRYTLEQPHFPLLNYSQNSYMGRLINRTLTRHAELSFSTFFVSSMSELLKQVAMDGCGIAWLPEYAIR
QEITDGRLIVLDADELVIPIQAYAYRMNTRMSQVAETFWRDLRGLQAAL
;
_entity_poly.pdbx_strand_id   A
#
loop_
_chem_comp.id
_chem_comp.type
_chem_comp.name
_chem_comp.formula
SO4 non-polymer 'SULFATE ION' 'O4 S -2'
#
# COMPACT_ATOMS: atom_id res chain seq x y z
N GLY A 1 -4.85 20.10 -9.94
CA GLY A 1 -3.52 20.53 -10.37
C GLY A 1 -3.41 20.72 -11.88
N ALA A 2 -4.55 20.84 -12.56
CA ALA A 2 -4.53 21.00 -14.01
C ALA A 2 -3.90 22.32 -14.41
N MET A 3 -4.31 23.42 -13.78
CA MET A 3 -3.72 24.72 -14.06
C MET A 3 -2.38 24.92 -13.38
N ASP A 4 -2.13 24.21 -12.28
CA ASP A 4 -0.87 24.32 -11.59
C ASP A 4 0.26 23.78 -12.46
N TYR A 5 1.33 24.57 -12.62
CA TYR A 5 2.43 24.16 -13.48
C TYR A 5 3.73 24.83 -13.03
N THR A 6 4.79 24.03 -12.88
CA THR A 6 6.15 24.55 -12.86
C THR A 6 6.99 23.71 -13.82
N LEU A 7 8.24 24.13 -14.03
CA LEU A 7 9.13 23.38 -14.91
C LEU A 7 9.53 22.04 -14.31
N ARG A 8 9.51 21.91 -12.99
CA ARG A 8 10.07 20.74 -12.34
C ARG A 8 9.06 19.93 -11.53
N LYS A 9 7.82 20.39 -11.39
CA LYS A 9 6.90 19.74 -10.47
C LYS A 9 6.40 18.42 -11.04
N ILE A 10 6.46 17.37 -10.22
CA ILE A 10 5.88 16.08 -10.53
C ILE A 10 4.67 15.89 -9.62
N LYS A 11 3.51 15.66 -10.21
CA LYS A 11 2.26 15.51 -9.46
C LYS A 11 1.95 14.02 -9.33
N ILE A 12 1.99 13.52 -8.11
CA ILE A 12 1.81 12.10 -7.80
C ILE A 12 0.60 11.94 -6.89
N ALA A 13 -0.24 10.97 -7.21
CA ALA A 13 -1.30 10.52 -6.31
C ALA A 13 -0.99 9.09 -5.91
N ALA A 14 -1.03 8.81 -4.61
CA ALA A 14 -0.62 7.53 -4.08
C ALA A 14 -1.71 6.99 -3.15
N ALA A 15 -1.94 5.69 -3.22
CA ALA A 15 -2.92 5.05 -2.34
C ALA A 15 -2.55 5.29 -0.88
N HIS A 16 -3.57 5.30 -0.02
CA HIS A 16 -3.35 5.58 1.40
C HIS A 16 -2.38 4.58 2.01
N SER A 17 -2.55 3.30 1.72
CA SER A 17 -1.74 2.24 2.31
C SER A 17 -0.34 2.16 1.74
N LEU A 18 0.03 3.05 0.83
CA LEU A 18 1.30 2.97 0.12
C LEU A 18 2.16 4.23 0.21
N SER A 19 1.59 5.38 0.60
CA SER A 19 2.31 6.65 0.50
C SER A 19 3.58 6.66 1.36
N LEU A 20 3.43 6.38 2.66
CA LEU A 20 4.57 6.54 3.57
C LEU A 20 5.68 5.53 3.27
N GLY A 21 5.33 4.31 2.90
CA GLY A 21 6.35 3.31 2.68
C GLY A 21 7.19 3.54 1.45
N LEU A 22 6.61 4.13 0.41
CA LEU A 22 7.22 4.22 -0.90
C LEU A 22 7.78 5.58 -1.26
N LEU A 23 7.08 6.67 -0.90
CA LEU A 23 7.49 8.00 -1.37
C LEU A 23 8.86 8.42 -0.87
N PRO A 24 9.22 8.26 0.42
CA PRO A 24 10.57 8.67 0.84
C PRO A 24 11.69 7.98 0.08
N THR A 25 11.53 6.70 -0.24
CA THR A 25 12.57 5.99 -0.97
C THR A 25 12.74 6.53 -2.38
N ILE A 26 11.65 6.91 -3.02
CA ILE A 26 11.74 7.49 -4.36
C ILE A 26 12.34 8.88 -4.30
N VAL A 27 11.81 9.73 -3.40
CA VAL A 27 12.30 11.10 -3.28
C VAL A 27 13.79 11.13 -2.99
N LYS A 28 14.28 10.18 -2.17
CA LYS A 28 15.67 10.21 -1.74
C LYS A 28 16.62 9.73 -2.84
N GLN A 29 16.19 8.78 -3.67
CA GLN A 29 17.05 8.19 -4.68
C GLN A 29 16.91 8.82 -6.06
N MET A 30 15.89 9.65 -6.26
CA MET A 30 15.73 10.31 -7.54
C MET A 30 16.77 11.41 -7.72
N PRO A 31 17.11 11.74 -8.97
CA PRO A 31 17.97 12.89 -9.22
C PRO A 31 17.33 14.17 -8.68
N THR A 32 18.19 15.10 -8.26
CA THR A 32 17.73 16.36 -7.70
C THR A 32 17.22 17.31 -8.78
N GLN A 33 16.37 16.81 -9.68
CA GLN A 33 15.86 17.59 -10.78
C GLN A 33 14.36 17.84 -10.70
N PHE A 34 13.68 17.39 -9.65
CA PHE A 34 12.24 17.46 -9.58
C PHE A 34 11.79 18.07 -8.25
N THR A 35 10.56 18.58 -8.26
CA THR A 35 9.84 18.88 -7.04
C THR A 35 8.55 18.06 -7.04
N TYR A 36 8.01 17.83 -5.85
CA TYR A 36 6.96 16.82 -5.66
C TYR A 36 5.71 17.43 -5.04
N ALA A 37 4.56 17.13 -5.64
CA ALA A 37 3.25 17.38 -5.06
C ALA A 37 2.53 16.04 -4.99
N VAL A 38 2.30 15.53 -3.78
CA VAL A 38 1.76 14.20 -3.59
C VAL A 38 0.50 14.29 -2.74
N GLU A 39 -0.57 13.62 -3.17
CA GLU A 39 -1.79 13.56 -2.39
C GLU A 39 -2.24 12.12 -2.24
N ALA A 40 -2.77 11.80 -1.06
CA ALA A 40 -3.25 10.45 -0.78
C ALA A 40 -4.66 10.29 -1.31
N ILE A 41 -4.92 9.16 -1.99
CA ILE A 41 -6.20 8.90 -2.62
C ILE A 41 -6.68 7.51 -2.22
N ASP A 42 -7.96 7.27 -2.46
CA ASP A 42 -8.48 5.91 -2.48
C ASP A 42 -8.22 5.29 -3.85
N VAL A 43 -8.26 3.96 -3.89
CA VAL A 43 -7.85 3.23 -5.09
C VAL A 43 -8.70 3.64 -6.29
N ASP A 44 -9.98 3.89 -6.08
CA ASP A 44 -10.91 4.10 -7.19
C ASP A 44 -10.92 5.54 -7.69
N GLN A 45 -10.17 6.45 -7.07
CA GLN A 45 -10.00 7.79 -7.61
C GLN A 45 -8.96 7.85 -8.72
N ALA A 46 -8.17 6.79 -8.91
CA ALA A 46 -6.97 6.87 -9.74
C ALA A 46 -7.28 7.05 -11.21
N VAL A 47 -8.30 6.32 -11.71
CA VAL A 47 -8.63 6.38 -13.13
C VAL A 47 -8.90 7.81 -13.56
N ASP A 48 -9.76 8.51 -12.82
CA ASP A 48 -10.21 9.82 -13.26
C ASP A 48 -9.12 10.88 -13.07
N MET A 49 -8.32 10.75 -12.01
CA MET A 49 -7.26 11.74 -11.79
C MET A 49 -6.19 11.65 -12.86
N LEU A 50 -5.96 10.47 -13.41
CA LEU A 50 -5.02 10.32 -14.52
C LEU A 50 -5.60 10.89 -15.81
N ARG A 51 -6.86 10.56 -16.12
CA ARG A 51 -7.45 10.98 -17.38
C ARG A 51 -7.70 12.48 -17.42
N GLU A 52 -8.09 13.06 -16.28
CA GLU A 52 -8.36 14.49 -16.20
C GLU A 52 -7.11 15.33 -15.97
N GLY A 53 -5.93 14.71 -15.97
CA GLY A 53 -4.70 15.46 -15.83
C GLY A 53 -4.45 16.03 -14.45
N GLN A 54 -5.17 15.54 -13.44
CA GLN A 54 -4.94 16.02 -12.08
C GLN A 54 -3.65 15.44 -11.50
N SER A 55 -3.26 14.25 -11.92
CA SER A 55 -2.00 13.64 -11.49
C SER A 55 -1.20 13.24 -12.72
N ASP A 56 0.13 13.35 -12.61
CA ASP A 56 0.99 12.84 -13.67
C ASP A 56 1.14 11.34 -13.59
N PHE A 57 1.28 10.81 -12.37
CA PHE A 57 1.48 9.39 -12.15
C PHE A 57 0.64 8.96 -10.96
N ILE A 58 0.28 7.67 -10.94
CA ILE A 58 -0.44 7.07 -9.82
C ILE A 58 0.47 6.00 -9.22
N PHE A 59 0.60 6.01 -7.90
CA PHE A 59 1.23 4.92 -7.16
C PHE A 59 0.11 4.15 -6.47
N SER A 60 -0.18 2.96 -7.00
CA SER A 60 -1.31 2.16 -6.52
C SER A 60 -0.89 0.70 -6.60
N TYR A 61 -1.86 -0.19 -6.53
CA TYR A 61 -1.64 -1.62 -6.60
C TYR A 61 -2.16 -2.16 -7.93
N HIS A 62 -2.25 -3.48 -8.03
CA HIS A 62 -2.82 -4.07 -9.23
C HIS A 62 -4.24 -3.56 -9.42
N ASP A 63 -4.50 -2.95 -10.57
CA ASP A 63 -5.79 -2.36 -10.89
C ASP A 63 -6.17 -2.77 -12.29
N GLU A 64 -7.17 -3.64 -12.41
CA GLU A 64 -7.61 -4.09 -13.73
C GLU A 64 -8.03 -2.93 -14.61
N ASN A 65 -8.60 -1.87 -14.03
CA ASN A 65 -9.02 -0.72 -14.82
C ASN A 65 -7.82 0.06 -15.36
N LEU A 66 -6.68 0.02 -14.65
CA LEU A 66 -5.52 0.81 -15.04
C LEU A 66 -4.49 0.04 -15.84
N GLN A 67 -4.58 -1.30 -15.86
CA GLN A 67 -3.63 -2.11 -16.61
C GLN A 67 -4.08 -2.37 -18.03
N GLN A 68 -4.92 -1.50 -18.59
CA GLN A 68 -5.45 -1.67 -19.93
C GLN A 68 -4.65 -0.83 -20.91
N ALA A 69 -5.11 -0.79 -22.16
CA ALA A 69 -4.36 -0.13 -23.22
C ALA A 69 -4.14 1.37 -23.01
N PRO A 70 -5.12 2.17 -22.58
CA PRO A 70 -4.87 3.62 -22.49
C PRO A 70 -3.80 4.01 -21.48
N PHE A 71 -3.37 3.11 -20.61
CA PHE A 71 -2.39 3.42 -19.58
C PHE A 71 -1.14 2.57 -19.76
N ASP A 72 -0.06 3.01 -19.13
CA ASP A 72 1.20 2.28 -19.06
C ASP A 72 1.59 2.13 -17.60
N ASN A 73 2.46 1.17 -17.31
CA ASN A 73 2.78 0.85 -15.92
C ASN A 73 4.16 0.24 -15.80
N ILE A 74 4.66 0.21 -14.56
CA ILE A 74 5.81 -0.59 -14.18
C ILE A 74 5.59 -1.07 -12.75
N ARG A 75 5.83 -2.35 -12.51
CA ARG A 75 5.67 -2.90 -11.18
C ARG A 75 6.84 -2.46 -10.32
N LEU A 76 6.55 -1.68 -9.28
CA LEU A 76 7.61 -1.17 -8.42
C LEU A 76 8.16 -2.28 -7.52
N PHE A 77 7.27 -3.03 -6.87
CA PHE A 77 7.69 -4.16 -6.06
C PHE A 77 6.46 -5.02 -5.78
N GLU A 78 6.72 -6.24 -5.33
CA GLU A 78 5.67 -7.08 -4.78
C GLU A 78 5.96 -7.31 -3.30
N SER A 79 4.91 -7.55 -2.54
CA SER A 79 5.03 -7.80 -1.11
C SER A 79 3.97 -8.81 -0.70
N ARG A 80 3.85 -9.03 0.61
CA ARG A 80 2.89 -9.97 1.13
C ARG A 80 2.29 -9.41 2.42
N LEU A 81 0.99 -9.62 2.61
CA LEU A 81 0.34 -9.26 3.87
C LEU A 81 0.35 -10.44 4.82
N PHE A 82 0.78 -10.19 6.06
CA PHE A 82 0.81 -11.18 7.12
C PHE A 82 -0.17 -10.78 8.21
N PRO A 83 -0.99 -11.72 8.71
CA PRO A 83 -1.76 -11.42 9.93
C PRO A 83 -0.81 -11.41 11.12
N VAL A 84 -0.78 -10.30 11.84
CA VAL A 84 0.14 -10.11 12.95
C VAL A 84 -0.62 -9.53 14.14
N CYS A 85 -0.01 -9.64 15.31
CA CYS A 85 -0.53 -9.00 16.50
C CYS A 85 0.61 -8.77 17.47
N ALA A 86 0.36 -7.98 18.50
CA ALA A 86 1.36 -7.72 19.52
C ALA A 86 1.69 -8.99 20.30
N ASN A 87 2.85 -8.99 20.96
CA ASN A 87 3.26 -10.14 21.75
C ASN A 87 2.51 -10.16 23.08
N ASN A 88 2.66 -11.28 23.80
CA ASN A 88 2.06 -11.44 25.12
C ASN A 88 3.09 -11.33 26.24
N GLY A 89 4.24 -10.71 25.96
CA GLY A 89 5.29 -10.58 26.94
C GLY A 89 6.19 -11.79 27.09
N ARG A 90 5.88 -12.89 26.41
CA ARG A 90 6.69 -14.11 26.46
C ARG A 90 7.14 -14.55 25.07
N GLY A 91 7.04 -13.68 24.08
CA GLY A 91 7.40 -14.06 22.73
C GLY A 91 6.37 -14.87 21.99
N GLU A 92 5.10 -14.77 22.40
CA GLU A 92 4.01 -15.49 21.78
C GLU A 92 2.87 -14.52 21.47
N PRO A 93 2.05 -14.83 20.48
CA PRO A 93 0.98 -13.90 20.10
C PRO A 93 0.02 -13.63 21.24
N ARG A 94 -0.39 -12.38 21.36
CA ARG A 94 -1.37 -12.01 22.37
C ARG A 94 -2.76 -12.54 22.02
N TYR A 95 -3.06 -12.62 20.73
CA TYR A 95 -4.32 -13.13 20.23
C TYR A 95 -4.08 -14.38 19.40
N THR A 96 -5.16 -15.11 19.13
CA THR A 96 -5.09 -16.29 18.28
C THR A 96 -6.15 -16.18 17.20
N LEU A 97 -5.82 -16.66 16.00
CA LEU A 97 -6.78 -16.64 14.90
C LEU A 97 -7.99 -17.50 15.20
N GLU A 98 -7.86 -18.50 16.07
CA GLU A 98 -8.93 -19.44 16.39
C GLU A 98 -9.88 -18.93 17.47
N GLN A 99 -9.56 -17.82 18.12
CA GLN A 99 -10.46 -17.25 19.11
C GLN A 99 -11.78 -16.86 18.44
N PRO A 100 -12.92 -17.32 18.95
CA PRO A 100 -14.20 -16.91 18.36
C PRO A 100 -14.36 -15.39 18.42
N HIS A 101 -14.64 -14.80 17.27
CA HIS A 101 -14.79 -13.36 17.11
C HIS A 101 -13.59 -12.61 17.69
N PHE A 102 -12.41 -12.94 17.14
CA PHE A 102 -11.21 -12.21 17.54
C PHE A 102 -11.29 -10.76 17.04
N PRO A 103 -10.66 -9.83 17.74
CA PRO A 103 -10.71 -8.42 17.32
C PRO A 103 -9.87 -8.19 16.08
N LEU A 104 -10.53 -7.76 15.01
CA LEU A 104 -9.88 -7.50 13.73
C LEU A 104 -9.67 -6.00 13.55
N LEU A 105 -8.46 -5.61 13.16
CA LEU A 105 -8.12 -4.25 12.73
C LEU A 105 -7.95 -4.28 11.22
N ASN A 106 -8.90 -3.67 10.51
CA ASN A 106 -9.01 -3.86 9.07
C ASN A 106 -8.83 -2.55 8.32
N TYR A 107 -8.44 -2.66 7.06
CA TYR A 107 -8.52 -1.53 6.14
C TYR A 107 -9.98 -1.26 5.78
N SER A 108 -10.23 -0.10 5.17
CA SER A 108 -11.59 0.26 4.85
C SER A 108 -12.15 -0.64 3.74
N GLN A 109 -13.49 -0.71 3.68
CA GLN A 109 -14.15 -1.57 2.72
C GLN A 109 -13.84 -1.18 1.28
N ASN A 110 -13.53 0.09 1.04
CA ASN A 110 -13.28 0.58 -0.31
C ASN A 110 -11.79 0.63 -0.64
N SER A 111 -10.95 -0.03 0.15
CA SER A 111 -9.52 -0.07 -0.10
C SER A 111 -9.15 -1.38 -0.80
N TYR A 112 -7.99 -1.35 -1.46
CA TYR A 112 -7.50 -2.55 -2.13
C TYR A 112 -7.15 -3.63 -1.12
N MET A 113 -6.43 -3.26 -0.06
CA MET A 113 -6.07 -4.23 0.97
C MET A 113 -7.31 -4.79 1.65
N GLY A 114 -8.30 -3.94 1.95
CA GLY A 114 -9.51 -4.42 2.59
C GLY A 114 -10.24 -5.47 1.78
N ARG A 115 -10.35 -5.26 0.47
CA ARG A 115 -11.05 -6.22 -0.38
C ARG A 115 -10.37 -7.59 -0.35
N LEU A 116 -9.02 -7.62 -0.42
CA LEU A 116 -8.35 -8.91 -0.42
C LEU A 116 -8.38 -9.56 0.96
N ILE A 117 -8.32 -8.76 2.02
CA ILE A 117 -8.39 -9.31 3.36
C ILE A 117 -9.77 -9.90 3.62
N ASN A 118 -10.83 -9.18 3.23
CA ASN A 118 -12.18 -9.70 3.41
C ASN A 118 -12.41 -10.93 2.54
N ARG A 119 -11.91 -10.92 1.30
CA ARG A 119 -12.00 -12.10 0.45
C ARG A 119 -11.33 -13.30 1.11
N THR A 120 -10.17 -13.06 1.73
CA THR A 120 -9.44 -14.15 2.40
C THR A 120 -10.23 -14.68 3.59
N LEU A 121 -10.76 -13.78 4.42
CA LEU A 121 -11.51 -14.22 5.59
C LEU A 121 -12.75 -15.00 5.19
N THR A 122 -13.43 -14.56 4.13
CA THR A 122 -14.63 -15.25 3.66
C THR A 122 -14.33 -16.71 3.31
N ARG A 123 -13.23 -16.93 2.59
CA ARG A 123 -12.89 -18.30 2.20
C ARG A 123 -12.53 -19.18 3.38
N HIS A 124 -12.19 -18.59 4.52
CA HIS A 124 -11.75 -19.34 5.69
C HIS A 124 -12.83 -19.24 6.78
N ALA A 125 -13.87 -20.06 6.62
CA ALA A 125 -14.98 -20.04 7.57
C ALA A 125 -14.59 -20.53 8.96
N GLU A 126 -13.41 -21.11 9.12
CA GLU A 126 -12.93 -21.49 10.44
C GLU A 126 -12.54 -20.29 11.29
N LEU A 127 -12.60 -19.08 10.74
CA LEU A 127 -12.20 -17.86 11.42
C LEU A 127 -13.41 -16.95 11.58
N SER A 128 -13.77 -16.66 12.83
CA SER A 128 -14.78 -15.65 13.13
C SER A 128 -14.10 -14.47 13.79
N PHE A 129 -14.52 -13.26 13.42
CA PHE A 129 -13.87 -12.04 13.87
C PHE A 129 -14.93 -10.99 14.17
N SER A 130 -14.55 -10.02 15.01
CA SER A 130 -15.32 -8.82 15.25
C SER A 130 -14.47 -7.63 14.89
N THR A 131 -14.97 -6.78 13.99
CA THR A 131 -14.16 -5.67 13.50
C THR A 131 -14.12 -4.56 14.55
N PHE A 132 -12.95 -4.38 15.17
CA PHE A 132 -12.77 -3.41 16.24
C PHE A 132 -12.41 -2.03 15.74
N PHE A 133 -11.65 -1.95 14.65
CA PHE A 133 -11.02 -0.71 14.22
C PHE A 133 -10.82 -0.78 12.71
N VAL A 134 -11.32 0.22 11.99
CA VAL A 134 -11.18 0.31 10.53
C VAL A 134 -10.53 1.64 10.18
N SER A 135 -9.51 1.59 9.33
CA SER A 135 -8.86 2.80 8.85
C SER A 135 -8.16 2.50 7.54
N SER A 136 -8.00 3.53 6.72
CA SER A 136 -7.27 3.39 5.46
C SER A 136 -5.76 3.46 5.63
N MET A 137 -5.29 4.10 6.70
CA MET A 137 -3.85 4.34 6.88
C MET A 137 -3.17 3.08 7.39
N SER A 138 -2.17 2.60 6.65
CA SER A 138 -1.40 1.44 7.09
C SER A 138 -0.73 1.69 8.43
N GLU A 139 -0.19 2.90 8.64
CA GLU A 139 0.59 3.16 9.84
C GLU A 139 -0.31 3.32 11.07
N LEU A 140 -1.56 3.71 10.87
CA LEU A 140 -2.50 3.75 11.97
C LEU A 140 -2.87 2.34 12.42
N LEU A 141 -3.19 1.46 11.46
CA LEU A 141 -3.46 0.06 11.78
C LEU A 141 -2.26 -0.58 12.48
N LYS A 142 -1.05 -0.28 11.99
CA LYS A 142 0.16 -0.84 12.59
C LYS A 142 0.32 -0.42 14.05
N GLN A 143 0.11 0.87 14.34
CA GLN A 143 0.27 1.32 15.72
C GLN A 143 -0.80 0.71 16.62
N VAL A 144 -2.05 0.68 16.16
CA VAL A 144 -3.13 0.09 16.95
C VAL A 144 -2.84 -1.38 17.23
N ALA A 145 -2.29 -2.10 16.24
CA ALA A 145 -1.89 -3.48 16.45
C ALA A 145 -0.74 -3.59 17.45
N MET A 146 0.25 -2.72 17.33
CA MET A 146 1.38 -2.74 18.25
C MET A 146 0.92 -2.53 19.68
N ASP A 147 -0.09 -1.70 19.89
CA ASP A 147 -0.62 -1.45 21.22
C ASP A 147 -1.44 -2.61 21.77
N GLY A 148 -1.66 -3.66 20.99
CA GLY A 148 -2.31 -4.85 21.49
C GLY A 148 -3.81 -4.90 21.31
N CYS A 149 -4.37 -4.18 20.35
CA CYS A 149 -5.81 -4.04 20.21
C CYS A 149 -6.44 -5.10 19.32
N GLY A 150 -5.66 -5.96 18.69
CA GLY A 150 -6.22 -7.02 17.89
C GLY A 150 -5.26 -7.46 16.81
N ILE A 151 -5.81 -8.13 15.80
CA ILE A 151 -5.06 -8.74 14.72
C ILE A 151 -5.27 -7.93 13.46
N ALA A 152 -4.17 -7.63 12.75
CA ALA A 152 -4.22 -6.85 11.53
C ALA A 152 -3.38 -7.54 10.45
N TRP A 153 -3.86 -7.48 9.21
CA TRP A 153 -3.06 -7.90 8.06
C TRP A 153 -2.25 -6.70 7.58
N LEU A 154 -0.92 -6.81 7.62
CA LEU A 154 -0.07 -5.70 7.26
C LEU A 154 1.03 -6.14 6.31
N PRO A 155 1.46 -5.25 5.42
CA PRO A 155 2.49 -5.63 4.45
C PRO A 155 3.86 -5.76 5.09
N GLU A 156 4.68 -6.64 4.51
CA GLU A 156 5.95 -7.00 5.13
C GLU A 156 6.88 -5.79 5.30
N TYR A 157 6.87 -4.87 4.34
CA TYR A 157 7.83 -3.77 4.38
C TYR A 157 7.55 -2.83 5.54
N ALA A 158 6.31 -2.74 5.99
CA ALA A 158 5.94 -1.83 7.06
C ALA A 158 6.19 -2.41 8.45
N ILE A 159 6.31 -3.73 8.57
CA ILE A 159 6.45 -4.39 9.86
C ILE A 159 7.74 -5.17 9.96
N ARG A 160 8.67 -4.96 9.03
CA ARG A 160 9.90 -5.74 8.99
C ARG A 160 10.66 -5.67 10.31
N GLN A 161 10.88 -4.46 10.83
CA GLN A 161 11.66 -4.32 12.05
C GLN A 161 10.89 -4.84 13.26
N GLU A 162 9.57 -4.64 13.28
CA GLU A 162 8.76 -5.09 14.40
C GLU A 162 8.71 -6.60 14.50
N ILE A 163 8.76 -7.32 13.36
CA ILE A 163 8.87 -8.77 13.39
C ILE A 163 10.22 -9.18 13.97
N THR A 164 11.27 -8.43 13.64
CA THR A 164 12.60 -8.73 14.16
C THR A 164 12.68 -8.45 15.65
N ASP A 165 12.14 -7.30 16.09
CA ASP A 165 12.12 -6.97 17.51
C ASP A 165 11.19 -7.86 18.32
N GLY A 166 10.27 -8.57 17.65
CA GLY A 166 9.25 -9.32 18.35
C GLY A 166 8.10 -8.48 18.88
N ARG A 167 8.08 -7.17 18.58
CA ARG A 167 6.95 -6.35 19.00
C ARG A 167 5.67 -6.75 18.27
N LEU A 168 5.79 -7.26 17.05
CA LEU A 168 4.69 -7.90 16.34
C LEU A 168 5.07 -9.35 16.05
N ILE A 169 4.08 -10.22 16.02
CA ILE A 169 4.30 -11.66 15.85
C ILE A 169 3.42 -12.15 14.71
N VAL A 170 4.02 -12.87 13.76
CA VAL A 170 3.28 -13.39 12.62
C VAL A 170 2.43 -14.57 13.06
N LEU A 171 1.17 -14.59 12.64
CA LEU A 171 0.22 -15.61 13.04
C LEU A 171 0.06 -16.73 12.03
N ASP A 172 0.54 -16.54 10.81
CA ASP A 172 0.38 -17.51 9.72
C ASP A 172 1.31 -17.11 8.60
N ALA A 173 2.00 -18.11 8.02
CA ALA A 173 2.94 -17.85 6.94
C ALA A 173 2.61 -18.70 5.72
N ASP A 174 1.34 -19.04 5.53
CA ASP A 174 0.97 -19.89 4.41
C ASP A 174 -0.37 -19.49 3.79
N GLU A 175 -1.47 -20.06 4.28
CA GLU A 175 -2.75 -19.92 3.59
C GLU A 175 -3.33 -18.52 3.75
N LEU A 176 -3.02 -17.82 4.83
CA LEU A 176 -3.55 -16.50 5.09
C LEU A 176 -2.63 -15.38 4.62
N VAL A 177 -1.54 -15.73 3.94
CA VAL A 177 -0.64 -14.71 3.41
C VAL A 177 -1.18 -14.23 2.07
N ILE A 178 -1.34 -12.92 1.94
CA ILE A 178 -2.01 -12.31 0.78
C ILE A 178 -0.94 -11.65 -0.06
N PRO A 179 -0.83 -11.98 -1.35
CA PRO A 179 0.16 -11.30 -2.22
C PRO A 179 -0.37 -9.96 -2.71
N ILE A 180 0.54 -8.99 -2.76
CA ILE A 180 0.23 -7.65 -3.26
C ILE A 180 1.35 -7.21 -4.18
N GLN A 181 1.01 -6.40 -5.18
CA GLN A 181 1.97 -5.85 -6.12
C GLN A 181 1.70 -4.36 -6.27
N ALA A 182 2.76 -3.54 -6.14
CA ALA A 182 2.65 -2.11 -6.26
C ALA A 182 3.11 -1.67 -7.64
N TYR A 183 2.33 -0.79 -8.27
CA TYR A 183 2.60 -0.33 -9.62
C TYR A 183 2.64 1.19 -9.65
N ALA A 184 3.34 1.71 -10.65
CA ALA A 184 3.26 3.12 -11.03
C ALA A 184 2.52 3.19 -12.36
N TYR A 185 1.48 4.02 -12.41
CA TYR A 185 0.63 4.10 -13.59
C TYR A 185 0.73 5.49 -14.22
N ARG A 186 0.61 5.53 -15.54
CA ARG A 186 0.65 6.77 -16.29
C ARG A 186 -0.21 6.62 -17.53
N MET A 187 -0.47 7.74 -18.20
CA MET A 187 -1.12 7.70 -19.50
C MET A 187 -0.14 7.24 -20.57
N ASN A 188 -0.65 6.49 -21.54
CA ASN A 188 0.19 6.08 -22.66
C ASN A 188 0.64 7.25 -23.52
N THR A 189 -0.01 8.41 -23.36
CA THR A 189 0.35 9.58 -24.14
C THR A 189 1.73 10.11 -23.74
N ARG A 190 2.43 10.70 -24.71
CA ARG A 190 3.71 11.33 -24.42
C ARG A 190 3.51 12.55 -23.54
N MET A 191 4.37 12.68 -22.52
CA MET A 191 4.29 13.77 -21.56
C MET A 191 5.49 14.70 -21.73
N SER A 192 5.58 15.69 -20.84
CA SER A 192 6.66 16.68 -20.92
C SER A 192 8.02 16.02 -20.72
N GLN A 193 9.07 16.76 -21.10
CA GLN A 193 10.41 16.20 -21.00
C GLN A 193 10.78 15.88 -19.57
N VAL A 194 10.32 16.69 -18.61
CA VAL A 194 10.66 16.45 -17.21
C VAL A 194 9.91 15.23 -16.67
N ALA A 195 8.64 15.08 -17.05
CA ALA A 195 7.88 13.91 -16.62
C ALA A 195 8.41 12.64 -17.27
N GLU A 196 8.82 12.74 -18.55
CA GLU A 196 9.40 11.58 -19.21
C GLU A 196 10.75 11.22 -18.60
N THR A 197 11.52 12.22 -18.17
CA THR A 197 12.75 11.94 -17.44
C THR A 197 12.44 11.26 -16.11
N PHE A 198 11.41 11.73 -15.40
CA PHE A 198 11.01 11.09 -14.16
C PHE A 198 10.62 9.64 -14.39
N TRP A 199 9.85 9.36 -15.44
CA TRP A 199 9.45 7.99 -15.72
C TRP A 199 10.65 7.11 -16.06
N ARG A 200 11.58 7.65 -16.86
CA ARG A 200 12.78 6.89 -17.22
C ARG A 200 13.59 6.54 -15.97
N ASP A 201 13.84 7.54 -15.11
CA ASP A 201 14.63 7.31 -13.91
C ASP A 201 13.92 6.41 -12.91
N LEU A 202 12.58 6.43 -12.87
CA LEU A 202 11.87 5.56 -11.95
C LEU A 202 12.02 4.10 -12.36
N ARG A 203 12.02 3.81 -13.66
CA ARG A 203 12.29 2.47 -14.13
C ARG A 203 13.69 2.00 -13.71
N GLY A 204 14.70 2.85 -13.95
CA GLY A 204 16.05 2.52 -13.54
C GLY A 204 16.20 2.37 -12.04
N LEU A 205 15.34 3.02 -11.27
CA LEU A 205 15.38 2.92 -9.81
C LEU A 205 14.67 1.68 -9.29
N GLN A 206 13.83 1.05 -10.10
CA GLN A 206 12.92 0.02 -9.60
C GLN A 206 13.67 -1.15 -8.96
N ALA A 207 14.82 -1.51 -9.53
CA ALA A 207 15.57 -2.65 -9.01
C ALA A 207 15.98 -2.45 -7.56
N ALA A 208 16.29 -1.22 -7.17
CA ALA A 208 16.79 -0.91 -5.84
C ALA A 208 15.68 -0.67 -4.82
N LEU A 209 14.44 -0.54 -5.25
CA LEU A 209 13.33 -0.28 -4.33
C LEU A 209 13.17 -1.40 -3.30
S SO4 B . 5.37 -16.84 -2.29
O1 SO4 B . 5.12 -15.76 -1.34
O2 SO4 B . 4.87 -18.09 -1.72
O3 SO4 B . 4.71 -16.57 -3.55
O4 SO4 B . 6.82 -16.94 -2.50
#